data_1BRT
#
_entry.id   1BRT
#
_cell.length_a   121.720
_cell.length_b   121.720
_cell.length_c   121.720
_cell.angle_alpha   90.00
_cell.angle_beta   90.00
_cell.angle_gamma   90.00
#
_symmetry.space_group_name_H-M   'I 2 3'
#
loop_
_entity.id
_entity.type
_entity.pdbx_description
1 polymer 'BROMOPEROXIDASE A2'
2 non-polymer 'CHLORIDE ION'
3 water water
#
_entity_poly.entity_id   1
_entity_poly.type   'polypeptide(L)'
_entity_poly.pdbx_seq_one_letter_code
;PFITVGQENSTSIDLYYEDHGTGQPVVLIHGFPLSGHSWERQSAALLDAGYRVITYDRRGFGQSSQPTTGYDYDTFAADL
NTVLETLDLQDAVLVGFSTGTGEVARYVSSYGTARIAKVAFLASLEPFLLKTDDNPDGAAPQEFFDGIVAAVKADRYAFY
TGFFNDFYNLDENLGTRISEEAVRNSWNTAASGGFFAAAAAPTTWYTDFRADIPRIDVPALILHGTGDRTLPIENTARVF
HKALPSAEYVEVEGAPHGLLWTHAEEVNTALLAFLAK
;
_entity_poly.pdbx_strand_id   A
#
loop_
_chem_comp.id
_chem_comp.type
_chem_comp.name
_chem_comp.formula
CL non-polymer 'CHLORIDE ION' 'Cl -1'
#
# COMPACT_ATOMS: atom_id res chain seq x y z
N PRO A 1 -17.27 -3.20 -9.86
CA PRO A 1 -17.05 -4.56 -10.48
C PRO A 1 -16.29 -5.47 -9.50
N PHE A 2 -16.39 -6.79 -9.68
CA PHE A 2 -15.79 -7.64 -8.63
C PHE A 2 -15.05 -8.83 -9.19
N ILE A 3 -13.99 -9.21 -8.50
CA ILE A 3 -13.24 -10.45 -8.81
C ILE A 3 -13.34 -11.34 -7.56
N THR A 4 -13.76 -12.58 -7.74
CA THR A 4 -13.86 -13.51 -6.61
C THR A 4 -12.52 -14.13 -6.28
N VAL A 5 -12.04 -14.08 -5.06
CA VAL A 5 -10.72 -14.56 -4.67
C VAL A 5 -10.81 -15.70 -3.69
N GLY A 6 -12.04 -15.99 -3.22
CA GLY A 6 -12.12 -17.09 -2.22
C GLY A 6 -13.55 -17.19 -1.73
N GLN A 7 -13.67 -18.04 -0.67
CA GLN A 7 -15.00 -18.27 -0.08
C GLN A 7 -14.83 -18.30 1.44
N GLU A 8 -15.88 -17.81 2.12
CA GLU A 8 -15.93 -17.85 3.58
C GLU A 8 -17.35 -18.31 3.98
N ASN A 9 -17.42 -19.52 4.50
CA ASN A 9 -18.71 -20.12 4.86
C ASN A 9 -19.63 -20.12 3.62
N SER A 10 -20.83 -19.58 3.72
CA SER A 10 -21.76 -19.53 2.62
C SER A 10 -21.55 -18.43 1.58
N THR A 11 -20.57 -17.60 1.81
CA THR A 11 -20.38 -16.37 0.97
C THR A 11 -19.11 -16.43 0.17
N SER A 12 -19.10 -15.70 -0.92
CA SER A 12 -17.84 -15.54 -1.68
C SER A 12 -17.10 -14.32 -1.14
N ILE A 13 -15.77 -14.36 -1.31
CA ILE A 13 -14.90 -13.24 -0.96
C ILE A 13 -14.64 -12.51 -2.30
N ASP A 14 -15.21 -11.32 -2.42
CA ASP A 14 -15.14 -10.61 -3.73
C ASP A 14 -14.40 -9.29 -3.51
N LEU A 15 -13.47 -9.01 -4.40
CA LEU A 15 -12.79 -7.71 -4.33
C LEU A 15 -13.34 -6.71 -5.35
N TYR A 16 -13.65 -5.54 -4.89
CA TYR A 16 -14.09 -4.49 -5.81
C TYR A 16 -12.89 -4.01 -6.60
N TYR A 17 -13.11 -3.80 -7.92
CA TYR A 17 -11.97 -3.26 -8.72
C TYR A 17 -12.57 -2.38 -9.81
N GLU A 18 -11.63 -1.61 -10.43
CA GLU A 18 -12.00 -0.76 -11.58
C GLU A 18 -10.87 -0.95 -12.57
N ASP A 19 -11.22 -0.75 -13.86
CA ASP A 19 -10.31 -0.99 -15.00
C ASP A 19 -10.54 0.10 -16.04
N HIS A 20 -9.61 1.03 -16.11
CA HIS A 20 -9.84 2.23 -16.96
C HIS A 20 -8.73 2.41 -17.96
N GLY A 21 -9.08 3.03 -19.09
CA GLY A 21 -8.03 3.46 -20.02
C GLY A 21 -7.54 2.37 -20.92
N THR A 22 -6.53 2.82 -21.73
CA THR A 22 -5.97 2.03 -22.79
C THR A 22 -4.43 2.20 -22.74
N GLY A 23 -3.71 1.13 -22.74
CA GLY A 23 -2.26 1.17 -22.71
C GLY A 23 -1.73 0.03 -21.82
N GLN A 24 -0.45 0.22 -21.47
CA GLN A 24 0.21 -0.76 -20.58
C GLN A 24 -0.49 -0.76 -19.24
N PRO A 25 -0.76 -1.91 -18.68
CA PRO A 25 -1.47 -1.95 -17.39
C PRO A 25 -0.64 -1.60 -16.22
N VAL A 26 -1.18 -0.74 -15.37
CA VAL A 26 -0.56 -0.30 -14.14
C VAL A 26 -1.53 -0.64 -13.00
N VAL A 27 -1.10 -1.52 -12.11
CA VAL A 27 -1.99 -1.95 -11.02
C VAL A 27 -1.57 -1.27 -9.75
N LEU A 28 -2.51 -0.50 -9.16
CA LEU A 28 -2.26 0.34 -8.01
C LEU A 28 -2.85 -0.31 -6.76
N ILE A 29 -2.00 -0.54 -5.74
CA ILE A 29 -2.45 -1.30 -4.53
C ILE A 29 -2.33 -0.41 -3.33
N HIS A 30 -3.49 -0.06 -2.71
CA HIS A 30 -3.56 0.82 -1.56
C HIS A 30 -3.12 0.19 -0.25
N GLY A 31 -3.13 1.00 0.80
CA GLY A 31 -2.80 0.48 2.11
C GLY A 31 -3.90 0.76 3.11
N PHE A 32 -3.51 0.45 4.34
CA PHE A 32 -4.52 0.62 5.43
C PHE A 32 -4.77 2.06 5.72
N PRO A 33 -6.01 2.46 6.05
CA PRO A 33 -7.25 1.68 5.96
C PRO A 33 -8.13 2.26 4.87
N LEU A 34 -7.58 2.51 3.71
CA LEU A 34 -8.25 3.22 2.60
C LEU A 34 -8.75 2.29 1.56
N SER A 35 -8.74 2.65 0.29
CA SER A 35 -9.33 1.90 -0.81
C SER A 35 -8.67 2.30 -2.12
N GLY A 36 -9.05 1.69 -3.19
CA GLY A 36 -8.42 2.04 -4.51
C GLY A 36 -8.74 3.46 -4.92
N HIS A 37 -9.80 4.08 -4.39
CA HIS A 37 -10.14 5.44 -4.78
C HIS A 37 -9.16 6.37 -4.19
N SER A 38 -8.32 6.07 -3.20
CA SER A 38 -7.31 6.96 -2.67
C SER A 38 -6.21 7.27 -3.69
N TRP A 39 -6.16 6.54 -4.81
CA TRP A 39 -5.15 6.84 -5.83
C TRP A 39 -5.67 7.86 -6.84
N GLU A 40 -6.80 8.53 -6.63
CA GLU A 40 -7.38 9.37 -7.70
C GLU A 40 -6.42 10.41 -8.28
N ARG A 41 -5.53 11.03 -7.53
CA ARG A 41 -4.67 12.06 -8.18
C ARG A 41 -3.64 11.35 -9.09
N GLN A 42 -3.19 10.16 -8.76
CA GLN A 42 -2.27 9.43 -9.66
C GLN A 42 -3.07 8.81 -10.79
N SER A 43 -4.24 8.22 -10.54
CA SER A 43 -4.99 7.62 -11.66
C SER A 43 -5.28 8.68 -12.71
N ALA A 44 -5.67 9.88 -12.32
CA ALA A 44 -5.91 10.90 -13.40
C ALA A 44 -4.68 11.20 -14.19
N ALA A 45 -3.50 11.30 -13.57
CA ALA A 45 -2.30 11.60 -14.33
C ALA A 45 -1.89 10.41 -15.18
N LEU A 46 -2.04 9.14 -14.71
CA LEU A 46 -1.66 8.00 -15.52
C LEU A 46 -2.59 7.82 -16.70
N LEU A 47 -3.90 8.10 -16.53
CA LEU A 47 -4.81 8.01 -17.67
C LEU A 47 -4.50 9.07 -18.74
N ASP A 48 -4.13 10.25 -18.28
CA ASP A 48 -3.81 11.30 -19.31
C ASP A 48 -2.52 10.93 -20.00
N ALA A 49 -1.58 10.20 -19.39
CA ALA A 49 -0.34 9.84 -19.99
C ALA A 49 -0.41 8.60 -20.85
N GLY A 50 -1.58 7.95 -20.95
CA GLY A 50 -1.70 6.81 -21.84
C GLY A 50 -1.57 5.45 -21.25
N TYR A 51 -1.83 5.27 -19.97
CA TYR A 51 -1.75 3.93 -19.37
C TYR A 51 -3.15 3.40 -19.06
N ARG A 52 -3.25 2.09 -18.91
CA ARG A 52 -4.50 1.45 -18.42
C ARG A 52 -4.30 1.29 -16.91
N VAL A 53 -5.23 1.75 -16.17
CA VAL A 53 -5.12 1.82 -14.68
C VAL A 53 -6.09 0.87 -13.99
N ILE A 54 -5.58 -0.08 -13.24
CA ILE A 54 -6.41 -1.00 -12.53
C ILE A 54 -6.21 -0.71 -11.04
N THR A 55 -7.34 -0.53 -10.33
CA THR A 55 -7.26 -0.36 -8.87
C THR A 55 -8.20 -1.38 -8.27
N TYR A 56 -7.90 -1.90 -7.07
CA TYR A 56 -8.84 -2.79 -6.38
C TYR A 56 -8.73 -2.45 -4.90
N ASP A 57 -9.83 -2.89 -4.23
CA ASP A 57 -9.88 -2.71 -2.74
C ASP A 57 -9.45 -4.04 -2.13
N ARG A 58 -8.48 -3.95 -1.27
CA ARG A 58 -7.96 -5.19 -0.65
C ARG A 58 -9.05 -5.76 0.22
N ARG A 59 -8.95 -7.08 0.53
CA ARG A 59 -9.94 -7.73 1.37
C ARG A 59 -10.09 -7.03 2.71
N GLY A 60 -11.37 -6.80 3.09
CA GLY A 60 -11.61 -6.09 4.34
C GLY A 60 -11.71 -4.59 4.29
N PHE A 61 -11.47 -4.01 3.09
CA PHE A 61 -11.46 -2.57 2.91
C PHE A 61 -12.31 -2.13 1.73
N GLY A 62 -12.70 -0.84 1.91
CA GLY A 62 -13.47 -0.25 0.76
C GLY A 62 -14.75 -0.96 0.46
N GLN A 63 -14.99 -1.29 -0.76
CA GLN A 63 -16.23 -1.97 -1.18
C GLN A 63 -16.05 -3.46 -1.33
N SER A 64 -14.88 -3.98 -0.90
CA SER A 64 -14.69 -5.43 -0.98
C SER A 64 -15.37 -6.14 0.20
N SER A 65 -15.49 -7.47 0.01
CA SER A 65 -16.02 -8.27 1.09
C SER A 65 -15.19 -8.11 2.34
N GLN A 66 -15.78 -8.46 3.48
CA GLN A 66 -15.19 -8.27 4.79
C GLN A 66 -15.12 -9.61 5.51
N PRO A 67 -14.27 -10.54 5.08
CA PRO A 67 -14.20 -11.83 5.79
C PRO A 67 -13.49 -11.68 7.10
N THR A 68 -13.53 -12.73 7.92
CA THR A 68 -12.76 -12.78 9.17
C THR A 68 -11.58 -13.80 9.01
N THR A 69 -11.18 -14.06 7.78
CA THR A 69 -10.10 -15.03 7.53
C THR A 69 -9.13 -14.40 6.52
N GLY A 70 -7.89 -14.91 6.54
CA GLY A 70 -6.95 -14.60 5.48
C GLY A 70 -6.22 -13.28 5.59
N TYR A 71 -5.99 -12.79 6.78
CA TYR A 71 -5.22 -11.54 6.95
C TYR A 71 -3.77 -11.91 7.23
N ASP A 72 -3.05 -12.12 6.12
CA ASP A 72 -1.60 -12.38 6.15
C ASP A 72 -1.10 -12.03 4.76
N TYR A 73 0.21 -11.69 4.63
CA TYR A 73 0.66 -11.31 3.30
C TYR A 73 0.70 -12.37 2.28
N ASP A 74 0.77 -13.65 2.63
CA ASP A 74 0.69 -14.67 1.61
C ASP A 74 -0.70 -14.69 1.00
N THR A 75 -1.75 -14.54 1.86
CA THR A 75 -3.12 -14.47 1.26
C THR A 75 -3.31 -13.16 0.46
N PHE A 76 -2.78 -12.05 0.98
CA PHE A 76 -2.93 -10.82 0.17
C PHE A 76 -2.23 -11.00 -1.15
N ALA A 77 -1.08 -11.70 -1.18
CA ALA A 77 -0.41 -11.95 -2.48
C ALA A 77 -1.17 -12.90 -3.36
N ALA A 78 -1.85 -13.91 -2.77
CA ALA A 78 -2.74 -14.77 -3.55
C ALA A 78 -3.93 -14.00 -4.15
N ASP A 79 -4.44 -13.03 -3.38
CA ASP A 79 -5.54 -12.23 -3.94
C ASP A 79 -5.00 -11.43 -5.15
N LEU A 80 -3.80 -10.85 -4.98
CA LEU A 80 -3.26 -10.13 -6.17
C LEU A 80 -3.03 -11.09 -7.33
N ASN A 81 -2.46 -12.29 -7.07
CA ASN A 81 -2.29 -13.24 -8.20
C ASN A 81 -3.61 -13.53 -8.88
N THR A 82 -4.73 -13.68 -8.14
CA THR A 82 -6.04 -13.94 -8.77
C THR A 82 -6.47 -12.73 -9.61
N VAL A 83 -6.22 -11.54 -9.13
CA VAL A 83 -6.57 -10.40 -9.98
C VAL A 83 -5.78 -10.41 -11.28
N LEU A 84 -4.46 -10.64 -11.23
CA LEU A 84 -3.67 -10.62 -12.45
C LEU A 84 -4.00 -11.78 -13.35
N GLU A 85 -4.26 -12.99 -12.82
CA GLU A 85 -4.61 -14.11 -13.68
C GLU A 85 -6.00 -13.93 -14.27
N THR A 86 -6.96 -13.38 -13.50
CA THR A 86 -8.32 -13.27 -14.05
C THR A 86 -8.38 -12.25 -15.17
N LEU A 87 -7.60 -11.16 -15.05
CA LEU A 87 -7.58 -10.16 -16.11
C LEU A 87 -6.59 -10.48 -17.23
N ASP A 88 -5.75 -11.46 -16.96
CA ASP A 88 -4.75 -11.97 -17.92
C ASP A 88 -3.83 -10.83 -18.31
N LEU A 89 -3.28 -10.16 -17.29
CA LEU A 89 -2.40 -9.04 -17.56
C LEU A 89 -0.98 -9.47 -17.91
N GLN A 90 -0.44 -8.77 -18.89
CA GLN A 90 0.98 -9.04 -19.24
C GLN A 90 1.72 -7.73 -19.23
N ASP A 91 3.03 -7.74 -18.96
CA ASP A 91 3.86 -6.54 -18.96
C ASP A 91 3.31 -5.49 -18.00
N ALA A 92 2.77 -5.98 -16.89
CA ALA A 92 2.10 -5.07 -15.98
C ALA A 92 3.12 -4.44 -15.07
N VAL A 93 2.74 -3.25 -14.55
CA VAL A 93 3.50 -2.54 -13.54
C VAL A 93 2.79 -2.65 -12.20
N LEU A 94 3.37 -3.11 -11.13
CA LEU A 94 2.70 -3.16 -9.82
C LEU A 94 3.18 -1.99 -9.02
N VAL A 95 2.29 -1.15 -8.49
CA VAL A 95 2.67 -0.01 -7.69
C VAL A 95 1.99 -0.17 -6.33
N GLY A 96 2.73 -0.39 -5.28
CA GLY A 96 2.13 -0.47 -3.96
C GLY A 96 2.34 0.79 -3.17
N PHE A 97 1.45 1.11 -2.25
CA PHE A 97 1.59 2.23 -1.33
C PHE A 97 1.37 1.74 0.06
N SER A 98 2.15 2.22 1.00
CA SER A 98 1.92 1.98 2.44
C SER A 98 1.90 0.52 2.70
N THR A 99 0.91 0.02 3.48
CA THR A 99 0.98 -1.40 3.79
C THR A 99 0.66 -2.31 2.63
N GLY A 100 0.20 -1.80 1.49
CA GLY A 100 0.00 -2.61 0.30
C GLY A 100 1.35 -2.93 -0.40
N THR A 101 2.44 -2.31 0.07
CA THR A 101 3.71 -2.75 -0.51
C THR A 101 4.13 -4.12 0.01
N GLY A 102 3.51 -4.63 1.07
CA GLY A 102 3.91 -6.00 1.49
C GLY A 102 3.53 -7.02 0.47
N GLU A 103 2.33 -7.00 -0.19
CA GLU A 103 1.99 -8.05 -1.12
C GLU A 103 2.70 -7.89 -2.45
N VAL A 104 3.20 -6.68 -2.77
CA VAL A 104 4.01 -6.57 -3.99
C VAL A 104 5.30 -7.42 -3.82
N ALA A 105 5.97 -7.27 -2.70
CA ALA A 105 7.21 -8.10 -2.52
C ALA A 105 6.83 -9.57 -2.40
N ARG A 106 5.80 -9.93 -1.64
CA ARG A 106 5.48 -11.34 -1.46
C ARG A 106 4.98 -11.96 -2.73
N TYR A 107 4.26 -11.28 -3.62
CA TYR A 107 3.87 -11.80 -4.90
C TYR A 107 5.10 -12.09 -5.75
N VAL A 108 6.03 -11.15 -5.81
CA VAL A 108 7.18 -11.39 -6.70
C VAL A 108 7.94 -12.63 -6.21
N SER A 109 8.09 -12.75 -4.92
CA SER A 109 8.86 -13.86 -4.37
C SER A 109 8.18 -15.16 -4.54
N SER A 110 6.88 -15.30 -4.36
CA SER A 110 6.16 -16.53 -4.49
C SER A 110 5.76 -16.90 -5.89
N TYR A 111 5.37 -15.94 -6.74
CA TYR A 111 4.83 -16.23 -8.02
C TYR A 111 5.77 -15.85 -9.17
N GLY A 112 6.80 -15.07 -8.89
CA GLY A 112 7.70 -14.72 -9.97
C GLY A 112 7.25 -13.53 -10.78
N THR A 113 8.06 -13.15 -11.76
CA THR A 113 7.76 -11.96 -12.57
C THR A 113 7.42 -12.14 -14.01
N ALA A 114 6.90 -13.31 -14.44
CA ALA A 114 6.52 -13.51 -15.83
C ALA A 114 5.50 -12.52 -16.36
N ARG A 115 4.58 -12.04 -15.49
CA ARG A 115 3.60 -11.09 -15.95
C ARG A 115 4.05 -9.66 -15.67
N ILE A 116 5.19 -9.43 -15.08
CA ILE A 116 5.54 -8.13 -14.53
C ILE A 116 6.65 -7.41 -15.24
N ALA A 117 6.47 -6.16 -15.65
CA ALA A 117 7.51 -5.36 -16.25
C ALA A 117 8.32 -4.64 -15.22
N LYS A 118 7.68 -4.03 -14.20
CA LYS A 118 8.36 -3.18 -13.23
C LYS A 118 7.60 -3.16 -11.91
N VAL A 119 8.19 -2.79 -10.81
CA VAL A 119 7.50 -2.67 -9.54
C VAL A 119 7.88 -1.41 -8.87
N ALA A 120 6.99 -0.81 -8.09
CA ALA A 120 7.25 0.44 -7.39
C ALA A 120 6.76 0.37 -5.96
N PHE A 121 7.48 0.89 -5.04
CA PHE A 121 7.21 0.86 -3.61
C PHE A 121 7.15 2.24 -3.07
N LEU A 122 5.97 2.76 -2.74
CA LEU A 122 5.77 4.11 -2.26
C LEU A 122 5.42 4.08 -0.81
N ALA A 123 6.13 4.77 0.07
CA ALA A 123 5.88 4.84 1.49
C ALA A 123 5.81 3.41 2.01
N SER A 124 6.80 2.61 1.76
CA SER A 124 6.75 1.16 1.97
C SER A 124 7.15 0.72 3.35
N LEU A 125 6.81 -0.56 3.62
CA LEU A 125 7.12 -1.10 4.95
C LEU A 125 8.39 -1.96 4.97
N GLU A 126 8.92 -2.30 3.82
CA GLU A 126 10.09 -3.21 3.78
C GLU A 126 11.31 -2.49 4.35
N PRO A 127 12.29 -3.27 4.83
CA PRO A 127 12.30 -4.70 4.76
C PRO A 127 11.73 -5.49 5.96
N PHE A 128 11.63 -4.92 7.11
CA PHE A 128 11.17 -5.66 8.31
C PHE A 128 11.10 -4.67 9.43
N LEU A 129 9.84 -4.30 9.78
CA LEU A 129 9.60 -3.20 10.69
C LEU A 129 9.89 -3.54 12.16
N LEU A 130 9.89 -4.84 12.51
CA LEU A 130 10.04 -5.20 13.92
C LEU A 130 11.50 -5.05 14.42
N LYS A 131 11.64 -4.36 15.53
CA LYS A 131 13.04 -4.24 16.04
C LYS A 131 13.35 -5.48 16.83
N THR A 132 14.38 -6.23 16.48
CA THR A 132 14.76 -7.46 17.18
C THR A 132 16.29 -7.42 17.28
N ASP A 133 16.91 -8.44 17.92
CA ASP A 133 18.37 -8.44 17.97
C ASP A 133 19.06 -8.55 16.63
N ASP A 134 18.52 -9.36 15.73
CA ASP A 134 19.06 -9.56 14.40
C ASP A 134 18.57 -8.49 13.40
N ASN A 135 17.72 -7.60 13.92
CA ASN A 135 17.23 -6.50 13.02
C ASN A 135 17.19 -5.21 13.76
N PRO A 136 18.34 -4.57 14.01
CA PRO A 136 18.47 -3.38 14.75
C PRO A 136 17.89 -2.16 14.02
N ASP A 137 17.68 -2.33 12.72
CA ASP A 137 17.11 -1.18 11.98
C ASP A 137 15.59 -1.21 12.09
N GLY A 138 14.99 -2.19 12.74
CA GLY A 138 13.52 -2.15 12.85
C GLY A 138 13.01 -0.94 13.59
N ALA A 139 11.78 -0.50 13.31
CA ALA A 139 11.17 0.67 13.89
C ALA A 139 10.69 0.52 15.33
N ALA A 140 10.17 -0.68 15.68
CA ALA A 140 9.60 -0.76 17.04
C ALA A 140 9.47 -2.19 17.46
N PRO A 141 9.35 -2.36 18.78
CA PRO A 141 9.18 -3.69 19.34
C PRO A 141 7.76 -4.19 19.16
N GLN A 142 7.52 -5.46 19.41
CA GLN A 142 6.22 -6.08 19.29
C GLN A 142 5.11 -5.36 20.02
N GLU A 143 5.41 -4.84 21.22
CA GLU A 143 4.43 -4.14 22.04
C GLU A 143 3.82 -2.93 21.35
N PHE A 144 4.57 -2.28 20.45
CA PHE A 144 4.00 -1.16 19.71
C PHE A 144 2.85 -1.67 18.88
N PHE A 145 2.99 -2.75 18.14
CA PHE A 145 1.94 -3.27 17.26
C PHE A 145 0.74 -3.80 18.01
N ASP A 146 1.03 -4.40 19.16
CA ASP A 146 -0.07 -4.90 20.00
C ASP A 146 -0.86 -3.71 20.49
N GLY A 147 -0.24 -2.59 20.75
CA GLY A 147 -0.90 -1.40 21.18
C GLY A 147 -1.85 -0.84 20.10
N ILE A 148 -1.41 -0.93 18.84
CA ILE A 148 -2.33 -0.40 17.80
C ILE A 148 -3.53 -1.32 17.74
N VAL A 149 -3.37 -2.64 17.83
CA VAL A 149 -4.52 -3.54 17.82
C VAL A 149 -5.46 -3.22 18.99
N ALA A 150 -4.92 -2.96 20.18
CA ALA A 150 -5.82 -2.68 21.31
C ALA A 150 -6.54 -1.35 21.12
N ALA A 151 -5.91 -0.38 20.47
CA ALA A 151 -6.62 0.90 20.26
C ALA A 151 -7.71 0.77 19.19
N VAL A 152 -7.45 -0.06 18.16
CA VAL A 152 -8.55 -0.25 17.18
C VAL A 152 -9.71 -0.98 17.80
N LYS A 153 -9.44 -2.01 18.62
CA LYS A 153 -10.53 -2.77 19.23
C LYS A 153 -11.24 -1.90 20.23
N ALA A 154 -10.63 -0.94 20.86
CA ALA A 154 -11.34 -0.12 21.85
C ALA A 154 -12.41 0.79 21.21
N ASP A 155 -12.08 1.37 20.04
CA ASP A 155 -13.08 2.21 19.34
C ASP A 155 -12.37 2.56 18.02
N ARG A 156 -12.69 1.82 16.93
CA ARG A 156 -11.94 2.02 15.66
C ARG A 156 -12.28 3.40 15.13
N TYR A 157 -13.49 3.88 15.34
CA TYR A 157 -13.90 5.17 14.78
C TYR A 157 -13.08 6.32 15.33
N ALA A 158 -12.90 6.31 16.66
CA ALA A 158 -12.05 7.37 17.23
C ALA A 158 -10.59 7.11 16.88
N PHE A 159 -10.17 5.85 16.78
CA PHE A 159 -8.78 5.56 16.35
C PHE A 159 -8.49 6.22 15.03
N TYR A 160 -9.39 6.16 14.05
CA TYR A 160 -9.04 6.72 12.76
C TYR A 160 -8.75 8.21 12.85
N THR A 161 -9.38 9.00 13.72
CA THR A 161 -9.04 10.44 13.77
C THR A 161 -7.61 10.62 14.18
N GLY A 162 -7.11 9.92 15.16
CA GLY A 162 -5.68 10.17 15.56
C GLY A 162 -4.76 9.58 14.52
N PHE A 163 -5.16 8.48 13.90
CA PHE A 163 -4.33 7.88 12.83
C PHE A 163 -4.17 8.88 11.71
N PHE A 164 -5.24 9.49 11.19
CA PHE A 164 -5.10 10.40 10.09
C PHE A 164 -4.37 11.67 10.45
N ASN A 165 -4.37 12.07 11.73
CA ASN A 165 -3.52 13.26 12.05
C ASN A 165 -2.09 12.92 11.78
N ASP A 166 -1.59 11.71 12.06
CA ASP A 166 -0.17 11.44 11.84
C ASP A 166 -0.02 10.96 10.42
N PHE A 167 -1.01 10.43 9.74
CA PHE A 167 -0.84 9.96 8.34
C PHE A 167 -0.60 11.09 7.38
N TYR A 168 -1.26 12.22 7.63
CA TYR A 168 -1.14 13.39 6.74
C TYR A 168 -0.31 14.49 7.35
N ASN A 169 0.19 14.36 8.54
CA ASN A 169 0.84 15.47 9.31
C ASN A 169 -0.05 16.66 9.30
N LEU A 170 -1.29 16.51 9.85
CA LEU A 170 -2.26 17.61 9.79
C LEU A 170 -1.85 18.89 10.51
N ASP A 171 -1.00 18.74 11.50
CA ASP A 171 -0.57 20.01 12.17
C ASP A 171 0.20 20.82 11.17
N GLU A 172 0.92 20.33 10.18
CA GLU A 172 1.61 21.08 9.16
C GLU A 172 0.81 21.34 7.90
N ASN A 173 -0.10 20.37 7.55
CA ASN A 173 -0.68 20.39 6.22
C ASN A 173 -2.17 20.71 6.13
N LEU A 174 -2.90 20.71 7.20
CA LEU A 174 -4.34 21.01 7.12
C LEU A 174 -4.52 22.45 6.64
N GLY A 175 -5.30 22.60 5.56
CA GLY A 175 -5.54 23.99 5.14
C GLY A 175 -4.63 24.40 4.02
N THR A 176 -3.51 23.72 3.80
CA THR A 176 -2.60 24.04 2.73
C THR A 176 -2.45 22.86 1.76
N ARG A 177 -1.92 21.73 2.20
CA ARG A 177 -1.79 20.62 1.23
C ARG A 177 -2.94 19.62 1.32
N ILE A 178 -3.78 19.73 2.36
CA ILE A 178 -4.95 18.84 2.42
C ILE A 178 -6.06 19.63 3.07
N SER A 179 -7.27 19.49 2.53
CA SER A 179 -8.42 20.17 3.13
C SER A 179 -9.10 19.30 4.16
N GLU A 180 -9.92 19.95 5.01
CA GLU A 180 -10.76 19.24 5.98
C GLU A 180 -11.68 18.28 5.24
N GLU A 181 -12.20 18.64 4.10
CA GLU A 181 -13.13 17.76 3.36
C GLU A 181 -12.42 16.55 2.82
N ALA A 182 -11.14 16.64 2.37
CA ALA A 182 -10.47 15.42 1.92
C ALA A 182 -10.15 14.55 3.10
N VAL A 183 -9.90 15.10 4.28
CA VAL A 183 -9.68 14.23 5.46
C VAL A 183 -10.98 13.54 5.82
N ARG A 184 -12.12 14.23 5.73
CA ARG A 184 -13.42 13.64 6.04
C ARG A 184 -13.67 12.47 5.09
N ASN A 185 -13.38 12.60 3.81
CA ASN A 185 -13.52 11.49 2.90
C ASN A 185 -12.70 10.28 3.34
N SER A 186 -11.45 10.56 3.77
CA SER A 186 -10.60 9.40 4.20
C SER A 186 -11.19 8.76 5.43
N TRP A 187 -11.74 9.52 6.39
CA TRP A 187 -12.35 8.89 7.56
C TRP A 187 -13.56 8.07 7.14
N ASN A 188 -14.41 8.58 6.25
CA ASN A 188 -15.59 7.82 5.78
C ASN A 188 -15.14 6.53 5.15
N THR A 189 -14.08 6.53 4.37
CA THR A 189 -13.61 5.32 3.70
C THR A 189 -13.10 4.32 4.77
N ALA A 190 -12.33 4.79 5.78
CA ALA A 190 -11.88 3.86 6.80
C ALA A 190 -13.07 3.23 7.54
N ALA A 191 -14.07 4.07 7.89
CA ALA A 191 -15.21 3.55 8.65
C ALA A 191 -16.01 2.54 7.84
N SER A 192 -15.96 2.56 6.50
CA SER A 192 -16.69 1.58 5.68
C SER A 192 -15.95 0.26 5.64
N GLY A 193 -14.67 0.19 6.02
CA GLY A 193 -13.96 -1.10 5.99
C GLY A 193 -14.46 -2.00 7.10
N GLY A 194 -14.09 -3.28 7.02
CA GLY A 194 -14.61 -4.28 7.96
C GLY A 194 -14.02 -4.12 9.33
N PHE A 195 -14.81 -4.36 10.38
CA PHE A 195 -14.27 -4.22 11.73
C PHE A 195 -13.17 -5.24 12.01
N PHE A 196 -13.29 -6.46 11.43
CA PHE A 196 -12.33 -7.52 11.80
C PHE A 196 -11.00 -7.22 11.10
N ALA A 197 -11.05 -6.81 9.82
CA ALA A 197 -9.79 -6.45 9.14
C ALA A 197 -9.10 -5.30 9.83
N ALA A 198 -9.83 -4.33 10.37
CA ALA A 198 -9.16 -3.17 10.97
C ALA A 198 -8.29 -3.62 12.12
N ALA A 199 -8.74 -4.58 12.92
CA ALA A 199 -7.94 -5.01 14.08
C ALA A 199 -7.02 -6.14 13.67
N ALA A 200 -7.20 -6.83 12.61
CA ALA A 200 -6.28 -7.89 12.20
C ALA A 200 -5.10 -7.37 11.38
N ALA A 201 -5.36 -6.32 10.60
CA ALA A 201 -4.26 -5.89 9.69
C ALA A 201 -3.06 -5.46 10.42
N PRO A 202 -2.96 -4.79 11.51
CA PRO A 202 -1.80 -4.41 12.24
C PRO A 202 -0.90 -5.58 12.64
N THR A 203 -1.49 -6.78 12.84
CA THR A 203 -0.66 -7.95 13.14
C THR A 203 0.10 -8.44 11.92
N THR A 204 -0.09 -7.92 10.72
CA THR A 204 0.65 -8.37 9.56
C THR A 204 1.82 -7.42 9.35
N TRP A 205 1.84 -6.26 9.92
CA TRP A 205 2.84 -5.25 9.53
C TRP A 205 4.23 -5.61 10.03
N TYR A 206 4.42 -6.53 10.91
CA TYR A 206 5.77 -6.93 11.33
C TYR A 206 6.19 -8.19 10.63
N THR A 207 5.71 -8.50 9.42
CA THR A 207 6.17 -9.62 8.61
C THR A 207 7.58 -9.26 8.13
N ASP A 208 8.44 -10.29 8.03
CA ASP A 208 9.82 -10.09 7.56
C ASP A 208 9.85 -10.37 6.10
N PHE A 209 10.25 -9.31 5.34
CA PHE A 209 10.40 -9.42 3.90
C PHE A 209 11.84 -9.45 3.41
N ARG A 210 12.76 -9.70 4.37
CA ARG A 210 14.17 -9.67 3.94
C ARG A 210 14.49 -10.77 2.97
N ALA A 211 13.91 -11.92 3.01
CA ALA A 211 14.20 -12.95 2.01
C ALA A 211 13.48 -12.78 0.72
N ASP A 212 12.42 -11.90 0.71
CA ASP A 212 11.72 -11.67 -0.54
C ASP A 212 12.42 -10.66 -1.49
N ILE A 213 13.04 -9.66 -0.84
CA ILE A 213 13.67 -8.56 -1.60
C ILE A 213 14.73 -9.01 -2.61
N PRO A 214 15.61 -9.97 -2.31
CA PRO A 214 16.57 -10.38 -3.38
C PRO A 214 15.96 -11.14 -4.49
N ARG A 215 14.68 -11.53 -4.48
CA ARG A 215 13.97 -12.13 -5.58
C ARG A 215 13.37 -11.12 -6.58
N ILE A 216 13.49 -9.82 -6.29
CA ILE A 216 13.01 -8.82 -7.24
C ILE A 216 13.99 -8.69 -8.42
N ASP A 217 13.57 -9.10 -9.58
CA ASP A 217 14.51 -9.14 -10.72
C ASP A 217 14.03 -8.34 -11.89
N VAL A 218 13.19 -7.31 -11.57
CA VAL A 218 12.74 -6.36 -12.59
C VAL A 218 13.05 -4.96 -12.05
N PRO A 219 13.03 -3.96 -12.90
CA PRO A 219 13.28 -2.60 -12.44
C PRO A 219 12.32 -2.17 -11.32
N ALA A 220 12.85 -1.42 -10.39
CA ALA A 220 12.08 -1.03 -9.22
C ALA A 220 12.33 0.39 -8.88
N LEU A 221 11.34 1.04 -8.24
CA LEU A 221 11.36 2.41 -7.71
C LEU A 221 11.07 2.35 -6.25
N ILE A 222 11.73 3.01 -5.39
CA ILE A 222 11.53 3.16 -3.98
C ILE A 222 11.36 4.64 -3.73
N LEU A 223 10.20 5.10 -3.22
CA LEU A 223 9.93 6.52 -2.98
C LEU A 223 9.41 6.69 -1.59
N HIS A 224 9.79 7.69 -0.83
CA HIS A 224 9.33 7.84 0.54
C HIS A 224 9.38 9.28 1.00
N GLY A 225 8.55 9.71 1.89
CA GLY A 225 8.60 11.08 2.42
C GLY A 225 9.47 11.08 3.67
N THR A 226 10.29 12.16 3.81
CA THR A 226 11.14 12.18 5.01
C THR A 226 10.46 12.66 6.23
N GLY A 227 9.19 13.12 6.20
CA GLY A 227 8.39 13.51 7.34
C GLY A 227 7.38 12.38 7.69
N ASP A 228 7.59 11.20 7.19
CA ASP A 228 6.60 10.10 7.49
C ASP A 228 6.64 9.74 8.93
N ARG A 229 5.51 9.87 9.63
CA ARG A 229 5.42 9.51 11.06
C ARG A 229 4.78 8.14 11.19
N THR A 230 4.30 7.53 10.15
CA THR A 230 3.60 6.22 10.22
C THR A 230 4.58 5.12 9.99
N LEU A 231 5.36 5.21 8.90
CA LEU A 231 6.43 4.26 8.59
C LEU A 231 7.70 5.07 8.47
N PRO A 232 8.48 5.31 9.52
CA PRO A 232 9.63 6.20 9.49
C PRO A 232 10.64 5.79 8.43
N ILE A 233 11.14 6.84 7.72
CA ILE A 233 12.04 6.56 6.62
C ILE A 233 13.39 5.89 7.03
N GLU A 234 13.83 6.22 8.26
CA GLU A 234 15.13 5.60 8.63
C GLU A 234 15.03 4.11 8.83
N ASN A 235 13.84 3.57 9.10
CA ASN A 235 13.67 2.15 9.33
C ASN A 235 13.12 1.39 8.17
N THR A 236 12.78 2.10 7.09
CA THR A 236 12.13 1.51 5.93
C THR A 236 12.89 1.87 4.69
N ALA A 237 12.58 2.95 3.96
CA ALA A 237 13.25 3.17 2.65
C ALA A 237 14.78 3.29 2.69
N ARG A 238 15.28 3.91 3.77
CA ARG A 238 16.78 3.96 3.73
C ARG A 238 17.41 2.64 3.92
N VAL A 239 16.80 1.68 4.56
CA VAL A 239 17.37 0.34 4.72
C VAL A 239 17.07 -0.45 3.50
N PHE A 240 15.85 -0.32 2.86
CA PHE A 240 15.51 -0.99 1.65
C PHE A 240 16.46 -0.57 0.50
N HIS A 241 16.85 0.71 0.45
CA HIS A 241 17.74 1.20 -0.61
C HIS A 241 19.10 0.42 -0.52
N LYS A 242 19.51 0.06 0.68
CA LYS A 242 20.77 -0.72 0.75
C LYS A 242 20.60 -2.15 0.35
N ALA A 243 19.42 -2.71 0.54
CA ALA A 243 19.11 -4.07 0.16
C ALA A 243 18.80 -4.29 -1.30
N LEU A 244 18.37 -3.21 -1.98
CA LEU A 244 18.00 -3.21 -3.37
C LEU A 244 18.56 -2.00 -4.06
N PRO A 245 19.90 -1.93 -4.21
CA PRO A 245 20.60 -0.78 -4.75
C PRO A 245 20.38 -0.48 -6.22
N SER A 246 19.85 -1.39 -6.97
CA SER A 246 19.45 -1.21 -8.34
C SER A 246 18.19 -0.33 -8.47
N ALA A 247 17.39 -0.29 -7.41
CA ALA A 247 16.18 0.53 -7.62
C ALA A 247 16.44 2.02 -7.74
N GLU A 248 15.62 2.72 -8.51
CA GLU A 248 15.59 4.16 -8.49
C GLU A 248 15.17 4.63 -7.11
N TYR A 249 15.71 5.62 -6.49
CA TYR A 249 15.43 5.95 -5.11
C TYR A 249 15.16 7.41 -5.01
N VAL A 250 13.97 7.76 -4.46
CA VAL A 250 13.50 9.12 -4.44
C VAL A 250 13.06 9.47 -3.06
N GLU A 251 13.61 10.41 -2.36
CA GLU A 251 13.14 10.94 -1.11
C GLU A 251 12.45 12.25 -1.36
N VAL A 252 11.30 12.45 -0.76
CA VAL A 252 10.51 13.71 -0.91
C VAL A 252 10.60 14.42 0.40
N GLU A 253 11.46 15.48 0.56
CA GLU A 253 11.71 16.06 1.85
C GLU A 253 10.47 16.74 2.46
N GLY A 254 10.25 16.34 3.69
CA GLY A 254 9.16 16.89 4.47
C GLY A 254 7.81 16.22 4.20
N ALA A 255 7.71 15.29 3.28
CA ALA A 255 6.38 14.72 2.99
C ALA A 255 5.99 13.70 4.03
N PRO A 256 4.68 13.59 4.30
CA PRO A 256 4.18 12.61 5.28
C PRO A 256 3.91 11.26 4.63
N HIS A 257 3.30 10.38 5.41
CA HIS A 257 2.92 9.05 4.88
C HIS A 257 1.91 9.20 3.75
N GLY A 258 0.91 10.08 3.95
CA GLY A 258 -0.18 10.25 2.97
C GLY A 258 0.19 11.16 1.82
N LEU A 259 1.38 10.93 1.24
CA LEU A 259 1.93 11.84 0.22
C LEU A 259 1.34 11.69 -1.16
N LEU A 260 0.52 10.64 -1.39
CA LEU A 260 -0.15 10.53 -2.72
C LEU A 260 -1.09 11.76 -2.84
N TRP A 261 -1.64 12.27 -1.75
CA TRP A 261 -2.48 13.47 -1.83
C TRP A 261 -1.63 14.72 -1.63
N THR A 262 -0.91 14.77 -0.51
CA THR A 262 -0.30 16.06 -0.17
C THR A 262 0.80 16.46 -1.13
N HIS A 263 1.49 15.51 -1.71
CA HIS A 263 2.64 15.79 -2.58
C HIS A 263 2.44 15.06 -3.90
N ALA A 264 1.20 15.15 -4.42
CA ALA A 264 0.84 14.43 -5.65
C ALA A 264 1.72 14.84 -6.83
N GLU A 265 2.05 16.13 -6.98
CA GLU A 265 2.92 16.48 -8.13
C GLU A 265 4.28 15.80 -8.08
N GLU A 266 4.91 15.74 -6.90
CA GLU A 266 6.22 15.13 -6.86
C GLU A 266 6.12 13.62 -7.06
N VAL A 267 5.06 12.97 -6.55
CA VAL A 267 4.89 11.54 -6.75
C VAL A 267 4.64 11.30 -8.19
N ASN A 268 3.72 12.07 -8.82
CA ASN A 268 3.42 11.81 -10.24
C ASN A 268 4.64 12.00 -11.16
N THR A 269 5.41 13.05 -10.88
CA THR A 269 6.63 13.21 -11.71
C THR A 269 7.55 12.02 -11.60
N ALA A 270 7.78 11.53 -10.36
CA ALA A 270 8.69 10.38 -10.23
C ALA A 270 8.13 9.12 -10.81
N LEU A 271 6.78 8.89 -10.69
CA LEU A 271 6.20 7.70 -11.30
C LEU A 271 6.26 7.77 -12.81
N LEU A 272 5.90 8.93 -13.41
CA LEU A 272 5.94 8.99 -14.89
C LEU A 272 7.36 8.84 -15.43
N ALA A 273 8.37 9.33 -14.74
CA ALA A 273 9.76 9.14 -15.22
C ALA A 273 10.14 7.67 -15.13
N PHE A 274 9.72 7.03 -14.00
CA PHE A 274 10.08 5.60 -13.92
C PHE A 274 9.33 4.75 -14.90
N LEU A 275 8.07 5.03 -15.23
CA LEU A 275 7.33 4.25 -16.18
C LEU A 275 7.83 4.41 -17.61
N ALA A 276 8.39 5.56 -17.91
CA ALA A 276 8.85 5.73 -19.30
C ALA A 276 10.19 5.08 -19.55
N LYS A 277 10.97 4.77 -18.55
CA LYS A 277 12.30 4.22 -18.65
C LYS A 277 12.30 2.75 -19.05
CL CL B . -2.95 -3.55 5.84
#